data_7LKO
#
_entry.id   7LKO
#
_cell.length_a   39.353
_cell.length_b   123.547
_cell.length_c   63.539
_cell.angle_alpha   90.000
_cell.angle_beta   99.282
_cell.angle_gamma   90.000
#
_symmetry.space_group_name_H-M   'P 1 21 1'
#
loop_
_entity.id
_entity.type
_entity.pdbx_description
1 polymer 'Pilus biogenesis protein'
2 polymer 'Type IV fimbriae assembly protein'
3 non-polymer 'SULFATE ION'
4 water water
#
loop_
_entity_poly.entity_id
_entity_poly.type
_entity_poly.pdbx_seq_one_letter_code
_entity_poly.pdbx_strand_id
1 'polypeptide(L)'
;MGSSHHHHHHSSGLVPRGSHMITGIARRLVQDGAVEEAVARSAMDQASAAKVPLPQWFAEKKLVTASQLAAANAVEFGMP
LLDVSAFDASQNAVKLVSEELLQKHQVLPLFKRGNRLFVGVSNPTQTRALDDIKFHTNLVVEPILVDEDQIRRTLEQWQA
SNAALGSALGDDE
;
B,A
2 'polypeptide(L)'
;MSAMNARQGILSLALKDKPALYSAYMPFVKGGGIFVPTPKRYMLGDEVFLLLTLPDSSERLPVAGKVIWTTPAGAQGNRA
AGIGVQFPDGPEGEAVRNKIETLLAGLTTSDKPTHTM
;
C,D
#
# COMPACT_ATOMS: atom_id res chain seq x y z
N MET A 21 22.97 3.36 -30.45
CA MET A 21 24.25 3.26 -29.74
C MET A 21 24.46 3.71 -28.25
N ILE A 22 23.45 4.09 -27.48
CA ILE A 22 23.76 4.53 -26.11
C ILE A 22 24.00 3.35 -25.17
N THR A 23 25.21 3.27 -24.57
CA THR A 23 25.59 2.25 -23.59
C THR A 23 26.36 2.84 -22.40
N GLY A 24 26.47 2.03 -21.33
CA GLY A 24 27.07 2.46 -20.07
C GLY A 24 26.06 3.11 -19.15
N ILE A 25 26.60 3.78 -18.14
CA ILE A 25 25.82 4.76 -17.39
C ILE A 25 24.98 5.66 -18.28
N ALA A 26 25.46 5.99 -19.47
CA ALA A 26 24.62 6.75 -20.39
C ALA A 26 23.30 6.02 -20.61
N ARG A 27 23.39 4.70 -20.80
CA ARG A 27 22.21 3.85 -20.91
C ARG A 27 21.41 3.84 -19.62
N ARG A 28 22.07 3.57 -18.48
CA ARG A 28 21.33 3.46 -17.22
C ARG A 28 20.65 4.77 -16.84
N LEU A 29 21.32 5.91 -17.06
CA LEU A 29 20.76 7.18 -16.63
C LEU A 29 19.45 7.49 -17.31
N VAL A 30 19.29 7.03 -18.56
CA VAL A 30 18.00 7.16 -19.24
C VAL A 30 17.04 6.04 -18.84
N GLN A 31 17.55 4.85 -18.53
CA GLN A 31 16.70 3.84 -17.89
C GLN A 31 16.03 4.42 -16.64
N ASP A 32 16.83 4.89 -15.69
CA ASP A 32 16.34 5.51 -14.46
C ASP A 32 15.63 6.83 -14.72
N GLY A 33 15.51 7.26 -15.97
CA GLY A 33 14.79 8.49 -16.24
C GLY A 33 15.49 9.76 -15.82
N ALA A 34 16.82 9.70 -15.60
CA ALA A 34 17.54 10.83 -15.01
C ALA A 34 17.76 11.96 -16.01
N VAL A 35 17.81 11.63 -17.30
CA VAL A 35 18.12 12.62 -18.33
C VAL A 35 17.65 12.04 -19.67
N GLU A 36 17.34 12.91 -20.64
CA GLU A 36 16.73 12.48 -21.91
C GLU A 36 17.70 11.70 -22.80
N GLU A 37 17.13 10.95 -23.76
CA GLU A 37 17.98 10.17 -24.66
C GLU A 37 18.82 11.07 -25.56
N ALA A 38 18.28 12.20 -26.00
CA ALA A 38 19.05 13.12 -26.83
C ALA A 38 20.29 13.61 -26.10
N VAL A 39 20.10 14.19 -24.92
CA VAL A 39 21.20 14.76 -24.14
C VAL A 39 22.17 13.70 -23.64
N ALA A 40 21.74 12.45 -23.52
CA ALA A 40 22.72 11.39 -23.29
C ALA A 40 23.57 11.14 -24.52
N ARG A 41 23.01 11.23 -25.74
CA ARG A 41 23.84 11.02 -26.93
C ARG A 41 24.94 12.07 -27.01
N SER A 42 24.57 13.34 -26.78
CA SER A 42 25.56 14.42 -26.70
C SER A 42 26.75 13.99 -25.87
N ALA A 43 26.47 13.62 -24.62
CA ALA A 43 27.52 13.34 -23.65
C ALA A 43 28.44 12.24 -24.15
N MET A 44 27.88 11.15 -24.71
CA MET A 44 28.74 10.17 -25.34
C MET A 44 29.60 10.80 -26.43
N ASP A 45 28.97 11.57 -27.33
CA ASP A 45 29.70 12.15 -28.46
C ASP A 45 30.79 13.09 -27.99
N GLN A 46 30.44 14.03 -27.12
CA GLN A 46 31.38 15.07 -26.72
C GLN A 46 32.45 14.52 -25.77
N ALA A 47 32.09 13.57 -24.91
CA ALA A 47 33.10 12.97 -24.03
C ALA A 47 34.07 12.11 -24.82
N SER A 48 33.62 11.55 -25.94
CA SER A 48 34.55 10.95 -26.88
C SER A 48 35.43 12.01 -27.54
N ALA A 49 34.84 13.13 -27.98
CA ALA A 49 35.63 14.16 -28.61
C ALA A 49 36.69 14.67 -27.66
N ALA A 50 36.30 14.95 -26.41
CA ALA A 50 37.22 15.46 -25.41
C ALA A 50 38.18 14.40 -24.91
N LYS A 51 37.91 13.13 -25.23
CA LYS A 51 38.67 12.01 -24.70
C LYS A 51 38.57 12.03 -23.16
N VAL A 52 37.41 12.43 -22.64
CA VAL A 52 37.18 12.53 -21.19
C VAL A 52 36.39 11.31 -20.70
N PRO A 53 36.73 10.74 -19.54
CA PRO A 53 35.94 9.60 -19.03
C PRO A 53 34.46 9.96 -18.85
N LEU A 54 33.59 9.19 -19.49
CA LEU A 54 32.19 9.59 -19.62
C LEU A 54 31.53 10.01 -18.30
N PRO A 55 31.56 9.20 -17.22
CA PRO A 55 30.85 9.59 -15.98
C PRO A 55 31.34 10.88 -15.36
N GLN A 56 32.64 11.12 -15.41
CA GLN A 56 33.17 12.41 -15.00
C GLN A 56 32.52 13.52 -15.82
N TRP A 57 32.45 13.33 -17.14
CA TRP A 57 31.78 14.30 -18.00
C TRP A 57 30.39 14.64 -17.50
N PHE A 58 29.54 13.62 -17.37
CA PHE A 58 28.19 13.79 -16.82
C PHE A 58 28.24 14.58 -15.52
N ALA A 59 29.12 14.17 -14.61
CA ALA A 59 29.19 14.80 -13.30
C ALA A 59 29.60 16.26 -13.41
N GLU A 60 30.70 16.51 -14.11
CA GLU A 60 31.22 17.87 -14.19
C GLU A 60 30.32 18.77 -15.03
N LYS A 61 29.72 18.23 -16.10
CA LYS A 61 28.76 19.01 -16.87
C LYS A 61 27.45 19.26 -16.12
N LYS A 62 27.25 18.64 -14.95
CA LYS A 62 26.05 18.84 -14.13
C LYS A 62 24.80 18.52 -14.92
N LEU A 63 24.87 17.45 -15.74
CA LEU A 63 23.71 16.98 -16.47
C LEU A 63 22.75 16.17 -15.59
N VAL A 64 23.28 15.47 -14.59
CA VAL A 64 22.49 14.75 -13.61
C VAL A 64 23.06 15.08 -12.23
N THR A 65 22.36 14.63 -11.20
CA THR A 65 22.74 14.89 -9.81
C THR A 65 23.71 13.83 -9.33
N ALA A 66 24.42 14.13 -8.25
CA ALA A 66 25.36 13.16 -7.68
C ALA A 66 24.66 11.85 -7.30
N SER A 67 23.44 11.92 -6.77
CA SER A 67 22.72 10.69 -6.45
C SER A 67 22.22 9.99 -7.70
N GLN A 68 21.74 10.75 -8.70
CA GLN A 68 21.37 10.15 -9.99
C GLN A 68 22.53 9.38 -10.60
N LEU A 69 23.72 10.00 -10.63
CA LEU A 69 24.87 9.35 -11.23
C LEU A 69 25.22 8.08 -10.45
N ALA A 70 25.08 8.13 -9.12
CA ALA A 70 25.47 6.98 -8.30
C ALA A 70 24.49 5.82 -8.46
N ALA A 71 23.19 6.13 -8.60
CA ALA A 71 22.19 5.07 -8.83
C ALA A 71 22.48 4.32 -10.13
N ALA A 72 22.89 5.04 -11.18
CA ALA A 72 23.29 4.36 -12.40
C ALA A 72 24.59 3.62 -12.18
N ASN A 73 25.53 4.22 -11.47
CA ASN A 73 26.81 3.55 -11.24
C ASN A 73 26.57 2.19 -10.60
N ALA A 74 25.61 2.13 -9.69
CA ALA A 74 25.33 0.91 -8.94
C ALA A 74 24.79 -0.20 -9.85
N VAL A 75 23.64 0.05 -10.50
CA VAL A 75 23.12 -0.89 -11.50
C VAL A 75 24.15 -1.22 -12.58
N GLU A 76 25.05 -0.29 -12.90
CA GLU A 76 26.01 -0.55 -13.97
C GLU A 76 27.13 -1.49 -13.53
N PHE A 77 27.50 -1.47 -12.25
CA PHE A 77 28.69 -2.19 -11.82
C PHE A 77 28.37 -3.25 -10.79
N GLY A 78 27.11 -3.64 -10.63
CA GLY A 78 26.80 -4.64 -9.64
C GLY A 78 27.20 -4.28 -8.23
N MET A 79 27.18 -2.99 -7.89
CA MET A 79 27.67 -2.51 -6.63
C MET A 79 26.53 -1.90 -5.81
N PRO A 80 26.51 -2.12 -4.50
CA PRO A 80 25.41 -1.57 -3.68
C PRO A 80 25.59 -0.09 -3.42
N LEU A 81 24.47 0.59 -3.24
CA LEU A 81 24.43 2.02 -3.02
C LEU A 81 23.74 2.29 -1.68
N LEU A 82 24.30 3.21 -0.89
CA LEU A 82 23.82 3.48 0.47
C LEU A 82 23.57 4.96 0.66
N ASP A 83 22.48 5.29 1.34
CA ASP A 83 22.24 6.66 1.81
C ASP A 83 22.88 6.83 3.20
N VAL A 84 24.05 7.49 3.27
CA VAL A 84 24.74 7.64 4.56
C VAL A 84 23.95 8.50 5.53
N SER A 85 23.09 9.40 5.04
CA SER A 85 22.36 10.26 5.95
C SER A 85 21.54 9.45 6.96
N ALA A 86 21.21 8.20 6.63
CA ALA A 86 20.54 7.30 7.55
C ALA A 86 21.50 6.50 8.41
N PHE A 87 22.79 6.56 8.10
CA PHE A 87 23.79 5.83 8.85
C PHE A 87 23.98 6.47 10.23
N ASP A 88 23.92 5.65 11.29
CA ASP A 88 24.13 6.12 12.66
C ASP A 88 25.61 6.50 12.86
N ALA A 89 25.88 7.80 12.94
CA ALA A 89 27.26 8.29 12.85
C ALA A 89 28.14 7.68 13.92
N SER A 90 27.59 7.44 15.11
CA SER A 90 28.35 6.88 16.22
C SER A 90 28.99 5.54 15.90
N GLN A 91 28.61 4.87 14.81
CA GLN A 91 29.19 3.58 14.44
C GLN A 91 30.18 3.67 13.28
N ASN A 92 30.65 4.87 12.91
CA ASN A 92 31.43 5.04 11.68
C ASN A 92 32.82 4.39 11.87
N ALA A 93 33.59 4.36 10.81
CA ALA A 93 34.90 3.77 10.90
C ALA A 93 35.96 4.72 10.37
N VAL A 94 35.60 6.00 10.23
CA VAL A 94 36.48 7.03 9.69
C VAL A 94 37.82 7.01 10.38
N LYS A 95 37.84 6.65 11.65
CA LYS A 95 39.05 6.80 12.44
C LYS A 95 40.12 5.78 12.12
N LEU A 96 39.77 4.69 11.44
CA LEU A 96 40.69 3.62 11.04
C LEU A 96 41.57 3.99 9.84
N VAL A 97 41.30 5.11 9.17
CA VAL A 97 42.06 5.55 8.01
C VAL A 97 42.70 6.91 8.30
N SER A 98 43.97 7.06 7.92
CA SER A 98 44.68 8.33 8.06
C SER A 98 43.92 9.47 7.42
N GLU A 99 44.08 10.70 7.96
CA GLU A 99 43.49 11.83 7.26
C GLU A 99 44.21 12.05 5.93
N GLU A 100 45.47 11.64 5.83
CA GLU A 100 46.22 11.83 4.59
C GLU A 100 45.59 11.05 3.44
N LEU A 101 45.19 9.79 3.68
CA LEU A 101 44.50 9.02 2.64
C LEU A 101 43.11 9.60 2.36
N LEU A 102 42.44 10.08 3.41
CA LEU A 102 41.12 10.68 3.25
C LEU A 102 41.17 11.89 2.34
N GLN A 103 42.31 12.57 2.25
CA GLN A 103 42.42 13.70 1.34
C GLN A 103 42.72 13.23 -0.06
N LYS A 104 43.77 12.42 -0.21
CA LYS A 104 44.16 11.94 -1.53
C LYS A 104 43.00 11.30 -2.31
N HIS A 105 42.15 10.52 -1.65
CA HIS A 105 40.94 9.95 -2.27
C HIS A 105 39.71 10.53 -1.58
N GLN A 106 38.69 10.94 -2.35
CA GLN A 106 37.37 11.24 -1.76
C GLN A 106 36.56 9.98 -1.48
N VAL A 107 36.86 9.39 -0.32
CA VAL A 107 36.21 8.19 0.14
C VAL A 107 35.78 8.38 1.59
N LEU A 108 34.80 7.57 2.01
CA LEU A 108 34.10 7.69 3.29
C LEU A 108 34.04 6.32 3.93
N PRO A 109 35.01 5.95 4.75
CA PRO A 109 34.94 4.65 5.44
C PRO A 109 33.71 4.58 6.35
N LEU A 110 32.99 3.47 6.29
CA LEU A 110 31.66 3.41 6.86
C LEU A 110 31.59 2.57 8.13
N PHE A 111 32.08 1.34 8.08
CA PHE A 111 31.63 0.35 9.05
C PHE A 111 32.58 -0.85 9.04
N LYS A 112 32.94 -1.32 10.22
CA LYS A 112 33.67 -2.56 10.34
C LYS A 112 32.75 -3.67 10.78
N ARG A 113 32.87 -4.83 10.15
CA ARG A 113 32.37 -6.08 10.75
C ARG A 113 33.40 -7.17 10.55
N GLY A 114 33.94 -7.71 11.65
CA GLY A 114 34.99 -8.71 11.53
C GLY A 114 36.17 -8.15 10.76
N ASN A 115 36.64 -8.92 9.76
CA ASN A 115 37.68 -8.47 8.82
C ASN A 115 37.28 -7.23 8.04
N ARG A 116 36.00 -7.14 7.64
CA ARG A 116 35.62 -6.24 6.56
C ARG A 116 35.59 -4.80 7.04
N LEU A 117 36.12 -3.92 6.20
CA LEU A 117 35.93 -2.48 6.32
C LEU A 117 35.20 -2.07 5.07
N PHE A 118 33.95 -1.66 5.22
CA PHE A 118 33.18 -1.16 4.10
C PHE A 118 33.50 0.32 3.90
N VAL A 119 33.81 0.68 2.66
CA VAL A 119 34.31 2.01 2.32
C VAL A 119 33.41 2.56 1.22
N GLY A 120 32.80 3.71 1.48
CA GLY A 120 31.96 4.33 0.49
C GLY A 120 32.79 5.07 -0.55
N VAL A 121 32.40 4.92 -1.81
CA VAL A 121 33.11 5.51 -2.94
C VAL A 121 32.07 6.11 -3.88
N SER A 122 32.50 7.12 -4.65
CA SER A 122 31.64 7.74 -5.65
C SER A 122 31.94 7.25 -7.07
N ASN A 123 32.97 6.44 -7.22
CA ASN A 123 33.39 5.99 -8.53
C ASN A 123 33.83 4.54 -8.37
N PRO A 124 33.17 3.58 -9.01
CA PRO A 124 33.45 2.16 -8.73
C PRO A 124 34.69 1.60 -9.42
N THR A 125 35.45 2.42 -10.18
CA THR A 125 36.66 1.94 -10.88
C THR A 125 37.91 2.30 -10.10
N GLN A 126 37.68 3.10 -9.08
CA GLN A 126 38.58 3.92 -8.30
C GLN A 126 39.44 3.01 -7.40
N THR A 127 40.00 1.99 -8.02
CA THR A 127 40.62 0.91 -7.26
C THR A 127 41.82 1.37 -6.44
N ARG A 128 42.47 2.47 -6.82
CA ARG A 128 43.69 2.87 -6.13
C ARG A 128 43.42 3.14 -4.66
N ALA A 129 42.26 3.70 -4.35
CA ALA A 129 41.98 4.02 -2.95
C ALA A 129 41.81 2.76 -2.10
N LEU A 130 41.27 1.68 -2.69
CA LEU A 130 41.00 0.46 -1.93
C LEU A 130 42.28 -0.27 -1.58
N ASP A 131 43.24 -0.27 -2.49
CA ASP A 131 44.51 -0.93 -2.19
C ASP A 131 45.28 -0.11 -1.14
N ASP A 132 45.25 1.21 -1.27
CA ASP A 132 45.95 2.05 -0.30
C ASP A 132 45.36 1.89 1.09
N ILE A 133 44.05 1.67 1.16
CA ILE A 133 43.42 1.53 2.46
C ILE A 133 43.66 0.15 3.02
N LYS A 134 43.57 -0.90 2.21
CA LYS A 134 43.94 -2.23 2.65
C LYS A 134 45.32 -2.25 3.29
N PHE A 135 46.34 -1.85 2.52
N PHE A 135 46.34 -1.79 2.56
CA PHE A 135 47.72 -1.81 3.03
CA PHE A 135 47.71 -1.86 3.04
C PHE A 135 47.82 -1.03 4.32
C PHE A 135 47.99 -0.90 4.20
N HIS A 136 47.14 0.11 4.39
CA HIS A 136 47.27 0.96 5.57
C HIS A 136 46.64 0.29 6.77
N THR A 137 45.54 -0.43 6.54
CA THR A 137 44.64 -0.90 7.58
C THR A 137 44.73 -2.39 7.85
N ASN A 138 45.33 -3.16 6.92
CA ASN A 138 45.40 -4.63 6.99
C ASN A 138 44.05 -5.26 7.29
N LEU A 139 43.01 -4.73 6.66
CA LEU A 139 41.67 -5.31 6.70
C LEU A 139 41.22 -5.67 5.29
N VAL A 140 40.13 -6.42 5.20
CA VAL A 140 39.47 -6.70 3.93
C VAL A 140 38.59 -5.51 3.60
N VAL A 141 38.82 -4.88 2.46
CA VAL A 141 38.08 -3.68 2.07
C VAL A 141 37.11 -4.05 0.96
N GLU A 142 35.82 -3.87 1.22
N GLU A 142 35.82 -3.79 1.20
CA GLU A 142 34.85 -3.95 0.16
CA GLU A 142 34.72 -3.94 0.25
C GLU A 142 34.28 -2.55 -0.08
C GLU A 142 34.17 -2.56 -0.07
N PRO A 143 34.07 -2.15 -1.33
CA PRO A 143 33.49 -0.83 -1.61
C PRO A 143 31.97 -0.82 -1.56
N ILE A 144 31.42 0.35 -1.18
CA ILE A 144 29.98 0.64 -1.25
C ILE A 144 29.79 1.97 -1.95
N LEU A 145 28.80 2.07 -2.83
CA LEU A 145 28.58 3.35 -3.50
C LEU A 145 27.87 4.34 -2.57
N VAL A 146 28.47 5.50 -2.42
CA VAL A 146 27.89 6.66 -1.76
C VAL A 146 28.09 7.81 -2.73
N ASP A 147 27.10 8.69 -2.85
CA ASP A 147 27.25 9.62 -3.95
C ASP A 147 28.22 10.76 -3.55
N GLU A 148 28.64 11.55 -4.53
CA GLU A 148 29.91 12.26 -4.34
C GLU A 148 29.72 13.28 -3.23
N ASP A 149 28.52 13.88 -3.22
CA ASP A 149 28.15 14.95 -2.30
C ASP A 149 28.08 14.45 -0.86
N GLN A 150 27.41 13.31 -0.64
CA GLN A 150 27.27 12.78 0.71
C GLN A 150 28.64 12.43 1.28
N ILE A 151 29.51 11.87 0.46
CA ILE A 151 30.88 11.66 0.92
C ILE A 151 31.45 12.97 1.48
N ARG A 152 31.30 14.06 0.73
CA ARG A 152 31.91 15.32 1.15
C ARG A 152 31.27 15.84 2.44
N ARG A 153 29.94 16.00 2.44
CA ARG A 153 29.27 16.50 3.65
C ARG A 153 29.40 15.55 4.84
N THR A 154 29.18 14.27 4.63
CA THR A 154 29.11 13.38 5.79
C THR A 154 30.48 13.14 6.39
N LEU A 155 31.54 13.18 5.58
CA LEU A 155 32.85 12.97 6.16
C LEU A 155 33.13 14.01 7.23
N GLU A 156 32.64 15.23 7.03
CA GLU A 156 33.23 16.26 7.84
C GLU A 156 32.48 16.31 9.14
N GLN A 157 31.18 15.98 9.04
CA GLN A 157 30.31 15.73 10.18
C GLN A 157 30.80 14.58 11.04
N TRP A 158 31.12 13.44 10.42
CA TRP A 158 31.57 12.31 11.22
C TRP A 158 32.88 12.63 11.89
N GLN A 159 33.69 13.48 11.26
CA GLN A 159 34.93 13.86 11.89
C GLN A 159 34.70 14.79 13.06
N ALA A 160 33.64 15.59 12.99
CA ALA A 160 33.30 16.41 14.13
C ALA A 160 32.85 15.55 15.29
N SER A 161 32.11 14.47 15.03
CA SER A 161 31.62 13.63 16.10
C SER A 161 32.77 12.92 16.80
N ASN A 162 33.64 12.27 16.00
CA ASN A 162 34.77 11.57 16.55
C ASN A 162 35.65 12.51 17.38
N ALA A 163 35.77 13.77 16.93
CA ALA A 163 36.63 14.72 17.61
C ALA A 163 36.12 15.03 19.00
N ALA A 164 34.80 14.88 19.23
CA ALA A 164 34.24 15.09 20.57
C ALA A 164 34.65 14.03 21.58
N LEU A 165 35.35 12.97 21.16
CA LEU A 165 35.83 11.97 22.10
C LEU A 165 37.23 12.25 22.65
N GLY A 166 37.96 13.19 22.04
CA GLY A 166 39.23 13.69 22.57
C GLY A 166 40.21 14.02 21.47
N SER A 167 41.34 14.68 21.77
CA SER A 167 42.47 14.82 20.81
C SER A 167 42.97 13.45 20.35
N MET B 21 -25.54 24.26 -18.87
CA MET B 21 -25.32 24.21 -17.43
C MET B 21 -25.85 22.92 -16.80
N ILE B 22 -24.94 21.97 -16.51
CA ILE B 22 -25.27 20.59 -16.15
C ILE B 22 -25.16 20.39 -14.64
N THR B 23 -26.22 19.83 -14.03
CA THR B 23 -26.29 19.60 -12.57
C THR B 23 -26.66 18.14 -12.26
N GLY B 24 -26.79 17.84 -10.97
CA GLY B 24 -27.42 16.61 -10.52
C GLY B 24 -26.54 15.40 -10.73
N ILE B 25 -27.17 14.26 -11.05
CA ILE B 25 -26.40 13.08 -11.42
C ILE B 25 -25.85 13.18 -12.83
N ALA B 26 -26.42 14.05 -13.67
CA ALA B 26 -25.80 14.37 -14.95
C ALA B 26 -24.41 14.98 -14.75
N ARG B 27 -24.30 15.99 -13.86
CA ARG B 27 -22.99 16.56 -13.55
C ARG B 27 -22.06 15.48 -13.05
N ARG B 28 -22.57 14.65 -12.13
CA ARG B 28 -21.74 13.64 -11.50
C ARG B 28 -21.21 12.63 -12.51
N LEU B 29 -22.07 12.16 -13.41
CA LEU B 29 -21.65 11.16 -14.37
C LEU B 29 -20.64 11.72 -15.37
N VAL B 30 -20.70 13.02 -15.65
CA VAL B 30 -19.70 13.58 -16.55
C VAL B 30 -18.34 13.61 -15.86
N GLN B 31 -18.31 14.02 -14.59
CA GLN B 31 -17.09 13.96 -13.81
C GLN B 31 -16.55 12.54 -13.72
N ASP B 32 -17.41 11.53 -13.75
CA ASP B 32 -16.89 10.17 -13.69
C ASP B 32 -16.35 9.68 -15.04
N GLY B 33 -16.25 10.54 -16.06
CA GLY B 33 -15.99 10.09 -17.41
C GLY B 33 -17.05 9.17 -17.98
N ALA B 34 -18.24 9.11 -17.39
CA ALA B 34 -19.17 8.06 -17.77
C ALA B 34 -20.01 8.40 -18.99
N VAL B 35 -20.17 9.69 -19.31
CA VAL B 35 -20.97 10.11 -20.46
C VAL B 35 -20.39 11.43 -20.95
N GLU B 36 -20.62 11.74 -22.23
CA GLU B 36 -20.27 13.03 -22.81
C GLU B 36 -21.01 14.17 -22.11
N GLU B 37 -20.41 15.38 -22.03
CA GLU B 37 -21.27 16.50 -21.60
C GLU B 37 -22.38 16.74 -22.61
N ALA B 38 -22.09 16.64 -23.90
CA ALA B 38 -23.12 17.03 -24.83
C ALA B 38 -24.32 16.10 -24.73
N VAL B 39 -24.08 14.82 -24.40
CA VAL B 39 -25.13 13.82 -24.21
C VAL B 39 -25.87 14.05 -22.89
N ALA B 40 -25.16 14.50 -21.84
CA ALA B 40 -25.75 14.73 -20.53
C ALA B 40 -26.84 15.78 -20.66
N ARG B 41 -26.52 16.89 -21.34
CA ARG B 41 -27.56 17.91 -21.56
C ARG B 41 -28.75 17.34 -22.32
N SER B 42 -28.46 16.58 -23.38
CA SER B 42 -29.56 16.17 -24.23
C SER B 42 -30.49 15.26 -23.45
N ALA B 43 -29.92 14.39 -22.62
CA ALA B 43 -30.68 13.62 -21.65
C ALA B 43 -31.36 14.53 -20.65
N MET B 44 -30.59 15.42 -20.04
CA MET B 44 -31.17 16.26 -19.01
C MET B 44 -32.37 17.02 -19.51
N ASP B 45 -32.27 17.62 -20.70
CA ASP B 45 -33.36 18.41 -21.25
C ASP B 45 -34.55 17.55 -21.62
N GLN B 46 -34.29 16.37 -22.17
CA GLN B 46 -35.39 15.45 -22.47
C GLN B 46 -36.11 15.00 -21.20
N ALA B 47 -35.36 14.75 -20.13
CA ALA B 47 -35.96 14.27 -18.90
C ALA B 47 -36.92 15.32 -18.31
N SER B 48 -36.49 16.59 -18.17
CA SER B 48 -37.43 17.62 -17.73
C SER B 48 -38.67 17.60 -18.61
N ALA B 49 -38.46 17.53 -19.93
CA ALA B 49 -39.55 17.63 -20.88
C ALA B 49 -40.60 16.54 -20.65
N ALA B 50 -40.17 15.35 -20.24
CA ALA B 50 -41.10 14.26 -20.03
C ALA B 50 -41.64 14.26 -18.61
N LYS B 51 -41.18 15.19 -17.77
CA LYS B 51 -41.49 15.22 -16.34
C LYS B 51 -41.07 13.91 -15.65
N VAL B 52 -39.85 13.49 -15.93
CA VAL B 52 -39.30 12.23 -15.41
C VAL B 52 -38.04 12.55 -14.63
N PRO B 53 -37.88 12.04 -13.41
CA PRO B 53 -36.66 12.31 -12.65
C PRO B 53 -35.46 11.76 -13.40
N LEU B 54 -34.33 12.39 -13.18
CA LEU B 54 -33.15 12.16 -14.00
C LEU B 54 -32.59 10.74 -13.89
N PRO B 55 -32.50 10.16 -12.67
CA PRO B 55 -32.11 8.74 -12.57
C PRO B 55 -32.97 7.85 -13.44
N GLN B 56 -34.29 8.03 -13.37
CA GLN B 56 -35.17 7.18 -14.16
C GLN B 56 -34.83 7.27 -15.64
N TRP B 57 -34.48 8.47 -16.13
CA TRP B 57 -34.33 8.65 -17.57
C TRP B 57 -33.12 7.91 -18.09
N PHE B 58 -31.93 8.30 -17.63
CA PHE B 58 -30.66 7.63 -17.89
C PHE B 58 -30.75 6.10 -17.85
N ALA B 59 -31.53 5.60 -16.89
CA ALA B 59 -31.73 4.17 -16.74
C ALA B 59 -32.55 3.60 -17.89
N GLU B 60 -33.75 4.18 -18.11
CA GLU B 60 -34.60 3.72 -19.21
C GLU B 60 -33.86 3.77 -20.54
N LYS B 61 -33.03 4.80 -20.73
CA LYS B 61 -32.35 5.06 -21.98
C LYS B 61 -30.93 4.47 -22.05
N LYS B 62 -30.43 3.90 -20.96
CA LYS B 62 -29.20 3.11 -20.99
C LYS B 62 -27.99 3.90 -21.50
N LEU B 63 -27.94 5.19 -21.16
CA LEU B 63 -26.87 6.09 -21.58
C LEU B 63 -25.54 5.81 -20.89
N VAL B 64 -25.55 5.09 -19.77
CA VAL B 64 -24.36 4.68 -19.03
C VAL B 64 -24.61 3.25 -18.58
N THR B 65 -23.69 2.69 -17.80
CA THR B 65 -23.92 1.35 -17.30
C THR B 65 -24.72 1.40 -16.01
N ALA B 66 -25.36 0.27 -15.71
CA ALA B 66 -26.07 0.13 -14.43
C ALA B 66 -25.13 0.39 -13.26
N SER B 67 -23.85 -0.02 -13.37
CA SER B 67 -22.95 0.19 -12.25
C SER B 67 -22.45 1.63 -12.18
N GLN B 68 -22.24 2.28 -13.33
CA GLN B 68 -21.87 3.70 -13.29
C GLN B 68 -23.01 4.52 -12.73
N LEU B 69 -24.22 4.25 -13.19
CA LEU B 69 -25.37 5.01 -12.70
C LEU B 69 -25.57 4.81 -11.19
N ALA B 70 -25.43 3.57 -10.71
CA ALA B 70 -25.41 3.30 -9.29
C ALA B 70 -24.41 4.17 -8.53
N ALA B 71 -23.16 4.22 -9.02
CA ALA B 71 -22.12 4.95 -8.29
C ALA B 71 -22.39 6.46 -8.26
N ALA B 72 -22.96 7.01 -9.33
CA ALA B 72 -23.31 8.43 -9.31
C ALA B 72 -24.50 8.68 -8.40
N ASN B 73 -25.60 7.94 -8.62
CA ASN B 73 -26.76 8.01 -7.75
C ASN B 73 -26.37 8.02 -6.28
N ALA B 74 -25.48 7.10 -5.89
CA ALA B 74 -25.11 6.90 -4.50
C ALA B 74 -24.61 8.19 -3.83
N VAL B 75 -23.66 8.86 -4.47
CA VAL B 75 -23.07 10.06 -3.88
C VAL B 75 -24.02 11.26 -3.99
N GLU B 76 -24.75 11.39 -5.10
CA GLU B 76 -25.67 12.52 -5.23
C GLU B 76 -26.85 12.40 -4.28
N PHE B 77 -27.28 11.18 -3.95
CA PHE B 77 -28.47 11.01 -3.12
C PHE B 77 -28.16 10.71 -1.67
N GLY B 78 -26.88 10.49 -1.33
CA GLY B 78 -26.51 10.02 0.00
C GLY B 78 -27.11 8.68 0.36
N MET B 79 -27.18 7.74 -0.61
CA MET B 79 -27.59 6.37 -0.31
C MET B 79 -26.38 5.44 -0.29
N PRO B 80 -26.41 4.38 0.51
CA PRO B 80 -25.30 3.43 0.48
C PRO B 80 -25.46 2.51 -0.70
N LEU B 81 -24.35 1.97 -1.16
CA LEU B 81 -24.35 1.16 -2.37
C LEU B 81 -23.74 -0.19 -2.06
N LEU B 82 -24.39 -1.25 -2.51
CA LEU B 82 -23.93 -2.60 -2.18
C LEU B 82 -23.69 -3.42 -3.43
N ASP B 83 -22.61 -4.21 -3.39
CA ASP B 83 -22.29 -5.23 -4.38
C ASP B 83 -22.88 -6.55 -3.89
N VAL B 84 -24.12 -6.86 -4.30
CA VAL B 84 -24.81 -8.05 -3.80
C VAL B 84 -24.16 -9.35 -4.22
N SER B 85 -23.20 -9.31 -5.15
CA SER B 85 -22.48 -10.53 -5.47
C SER B 85 -21.69 -11.04 -4.27
N ALA B 86 -21.35 -10.16 -3.31
CA ALA B 86 -20.64 -10.60 -2.12
C ALA B 86 -21.56 -10.84 -0.94
N PHE B 87 -22.86 -10.71 -1.17
CA PHE B 87 -23.83 -11.02 -0.14
C PHE B 87 -24.08 -12.53 -0.10
N ASP B 88 -24.04 -13.10 1.11
CA ASP B 88 -24.26 -14.52 1.30
C ASP B 88 -25.74 -14.83 1.17
N ALA B 89 -26.10 -15.65 0.17
CA ALA B 89 -27.52 -15.81 -0.16
C ALA B 89 -28.31 -16.38 1.00
N SER B 90 -27.72 -17.32 1.74
CA SER B 90 -28.46 -17.92 2.84
C SER B 90 -28.95 -16.92 3.89
N GLN B 91 -28.60 -15.63 3.77
CA GLN B 91 -29.08 -14.64 4.73
C GLN B 91 -30.08 -13.68 4.07
N ASN B 92 -30.55 -14.02 2.86
CA ASN B 92 -31.42 -13.12 2.13
C ASN B 92 -32.76 -13.01 2.85
N ALA B 93 -33.60 -12.07 2.39
CA ALA B 93 -34.86 -11.78 3.06
C ALA B 93 -36.00 -11.86 2.07
N VAL B 94 -35.76 -12.46 0.91
CA VAL B 94 -36.74 -12.43 -0.17
C VAL B 94 -38.08 -13.00 0.31
N LYS B 95 -38.05 -14.06 1.12
CA LYS B 95 -39.30 -14.68 1.55
C LYS B 95 -40.26 -13.66 2.17
N LEU B 96 -39.76 -12.63 2.86
CA LEU B 96 -40.62 -11.69 3.56
C LEU B 96 -41.52 -10.90 2.62
N VAL B 97 -41.24 -10.89 1.32
CA VAL B 97 -41.93 -10.03 0.37
C VAL B 97 -42.64 -10.90 -0.67
N SER B 98 -43.93 -10.64 -0.86
CA SER B 98 -44.77 -11.42 -1.76
C SER B 98 -44.25 -11.39 -3.19
N GLU B 99 -44.48 -12.50 -3.92
CA GLU B 99 -44.01 -12.53 -5.30
C GLU B 99 -44.72 -11.48 -6.14
N GLU B 100 -45.99 -11.21 -5.85
CA GLU B 100 -46.68 -10.15 -6.57
C GLU B 100 -45.88 -8.85 -6.51
N LEU B 101 -45.31 -8.52 -5.35
CA LEU B 101 -44.62 -7.26 -5.21
C LEU B 101 -43.25 -7.22 -5.87
N LEU B 102 -42.53 -8.36 -5.93
CA LEU B 102 -41.25 -8.38 -6.64
C LEU B 102 -41.46 -8.32 -8.14
N GLN B 103 -42.53 -8.96 -8.62
CA GLN B 103 -42.95 -8.82 -10.01
C GLN B 103 -43.34 -7.38 -10.33
N LYS B 104 -43.95 -6.70 -9.37
CA LYS B 104 -44.48 -5.37 -9.60
C LYS B 104 -43.40 -4.28 -9.53
N HIS B 105 -42.30 -4.51 -8.82
CA HIS B 105 -41.50 -3.38 -8.37
C HIS B 105 -40.02 -3.41 -8.72
N GLN B 106 -39.41 -4.56 -9.06
CA GLN B 106 -38.05 -4.56 -9.60
C GLN B 106 -37.03 -4.19 -8.51
N VAL B 107 -37.28 -4.68 -7.30
CA VAL B 107 -36.48 -4.41 -6.12
C VAL B 107 -35.99 -5.75 -5.62
N LEU B 108 -35.13 -5.73 -4.59
CA LEU B 108 -34.50 -6.95 -4.07
C LEU B 108 -34.44 -6.90 -2.55
N PRO B 109 -35.35 -7.56 -1.84
CA PRO B 109 -35.25 -7.60 -0.38
C PRO B 109 -33.91 -8.19 0.05
N LEU B 110 -33.19 -7.45 0.89
CA LEU B 110 -31.86 -7.88 1.28
C LEU B 110 -31.78 -8.59 2.63
N PHE B 111 -31.99 -7.84 3.71
CA PHE B 111 -31.55 -8.25 5.04
C PHE B 111 -32.49 -7.64 6.07
N LYS B 112 -32.71 -8.37 7.15
CA LYS B 112 -33.53 -7.90 8.25
C LYS B 112 -32.66 -7.73 9.48
N ARG B 113 -32.81 -6.59 10.13
CA ARG B 113 -32.19 -6.31 11.42
C ARG B 113 -33.29 -5.69 12.25
N GLY B 114 -33.77 -6.43 13.25
CA GLY B 114 -34.80 -5.92 14.12
C GLY B 114 -36.06 -5.64 13.32
N ASN B 115 -36.50 -4.38 13.33
CA ASN B 115 -37.71 -4.00 12.64
C ASN B 115 -37.44 -3.35 11.29
N ARG B 116 -36.17 -3.27 10.87
CA ARG B 116 -35.84 -2.66 9.61
C ARG B 116 -35.64 -3.74 8.57
N LEU B 117 -36.23 -3.53 7.40
CA LEU B 117 -36.00 -4.35 6.23
C LEU B 117 -35.21 -3.50 5.25
N PHE B 118 -33.94 -3.86 5.05
CA PHE B 118 -33.12 -3.24 4.01
C PHE B 118 -33.47 -3.82 2.65
N VAL B 119 -33.74 -2.95 1.68
CA VAL B 119 -34.22 -3.34 0.35
C VAL B 119 -33.34 -2.74 -0.73
N GLY B 120 -32.85 -3.59 -1.63
CA GLY B 120 -32.12 -3.14 -2.80
C GLY B 120 -33.02 -2.55 -3.87
N VAL B 121 -32.73 -1.29 -4.20
CA VAL B 121 -33.42 -0.55 -5.24
C VAL B 121 -32.34 0.04 -6.15
N SER B 122 -32.71 0.34 -7.40
CA SER B 122 -31.76 1.00 -8.29
C SER B 122 -32.23 2.37 -8.76
N ASN B 123 -33.52 2.66 -8.70
CA ASN B 123 -34.01 4.03 -8.76
C ASN B 123 -34.00 4.62 -7.37
N PRO B 124 -33.17 5.64 -7.08
CA PRO B 124 -33.27 6.28 -5.76
C PRO B 124 -34.56 7.06 -5.56
N THR B 125 -35.26 7.44 -6.62
CA THR B 125 -36.50 8.19 -6.41
C THR B 125 -37.73 7.29 -6.24
N GLN B 126 -37.63 6.00 -6.51
CA GLN B 126 -38.80 5.13 -6.39
C GLN B 126 -39.14 5.00 -4.90
N THR B 127 -40.30 5.52 -4.49
CA THR B 127 -40.80 5.28 -3.14
C THR B 127 -42.11 4.51 -3.11
N ARG B 128 -42.86 4.48 -4.23
CA ARG B 128 -44.03 3.61 -4.35
C ARG B 128 -43.73 2.20 -3.85
N ALA B 129 -42.71 1.56 -4.43
CA ALA B 129 -42.33 0.20 -4.01
C ALA B 129 -42.04 0.15 -2.52
N LEU B 130 -41.50 1.21 -1.96
CA LEU B 130 -41.13 1.14 -0.57
C LEU B 130 -42.37 1.24 0.29
N ASP B 131 -43.30 2.12 -0.09
CA ASP B 131 -44.60 2.18 0.55
C ASP B 131 -45.25 0.81 0.57
N ASP B 132 -45.30 0.14 -0.57
CA ASP B 132 -46.00 -1.14 -0.61
C ASP B 132 -45.29 -2.17 0.26
N ILE B 133 -43.98 -2.27 0.16
CA ILE B 133 -43.28 -3.26 0.95
C ILE B 133 -43.44 -2.96 2.44
N LYS B 134 -43.41 -1.67 2.80
CA LYS B 134 -43.70 -1.26 4.17
C LYS B 134 -45.07 -1.75 4.62
N PHE B 135 -46.11 -1.48 3.84
CA PHE B 135 -47.37 -2.04 4.29
C PHE B 135 -47.51 -3.54 4.08
N HIS B 136 -46.93 -4.12 3.05
CA HIS B 136 -47.02 -5.56 3.03
C HIS B 136 -46.37 -6.19 4.25
N THR B 137 -45.42 -5.50 4.86
CA THR B 137 -44.52 -6.18 5.75
C THR B 137 -44.68 -5.71 7.20
N ASN B 138 -45.28 -4.54 7.42
CA ASN B 138 -45.34 -3.90 8.73
C ASN B 138 -43.93 -3.83 9.36
N LEU B 139 -43.00 -3.27 8.59
CA LEU B 139 -41.64 -3.06 9.05
C LEU B 139 -41.14 -1.74 8.47
N VAL B 140 -40.18 -1.16 9.18
CA VAL B 140 -39.42 -0.04 8.62
C VAL B 140 -38.62 -0.52 7.41
N VAL B 141 -38.75 0.19 6.30
CA VAL B 141 -38.16 -0.22 5.04
C VAL B 141 -37.08 0.80 4.67
N GLU B 142 -35.81 0.40 4.72
CA GLU B 142 -34.82 1.39 4.31
C GLU B 142 -34.13 0.98 3.01
N PRO B 143 -33.87 1.95 2.11
CA PRO B 143 -33.35 1.61 0.78
C PRO B 143 -31.84 1.49 0.72
N ILE B 144 -31.36 0.48 -0.01
CA ILE B 144 -29.95 0.35 -0.37
C ILE B 144 -29.85 0.38 -1.89
N LEU B 145 -28.88 1.14 -2.42
CA LEU B 145 -28.59 1.08 -3.84
C LEU B 145 -27.93 -0.23 -4.22
N VAL B 146 -28.52 -0.90 -5.20
CA VAL B 146 -27.90 -2.03 -5.89
C VAL B 146 -28.13 -1.77 -7.35
N ASP B 147 -27.14 -2.05 -8.19
CA ASP B 147 -27.27 -1.64 -9.57
C ASP B 147 -28.28 -2.54 -10.27
N GLU B 148 -28.93 -1.97 -11.30
CA GLU B 148 -30.07 -2.61 -11.97
C GLU B 148 -29.77 -4.04 -12.43
N ASP B 149 -28.64 -4.22 -13.12
CA ASP B 149 -28.21 -5.54 -13.55
C ASP B 149 -28.18 -6.54 -12.40
N GLN B 150 -27.60 -6.14 -11.26
CA GLN B 150 -27.47 -7.06 -10.15
C GLN B 150 -28.82 -7.45 -9.58
N ILE B 151 -29.77 -6.52 -9.58
CA ILE B 151 -31.11 -6.82 -9.07
C ILE B 151 -31.81 -7.87 -9.94
N ARG B 152 -31.67 -7.81 -11.27
CA ARG B 152 -32.22 -8.90 -12.09
C ARG B 152 -31.56 -10.21 -11.76
N ARG B 153 -30.25 -10.30 -12.02
CA ARG B 153 -29.57 -11.57 -11.89
C ARG B 153 -29.72 -12.13 -10.49
N THR B 154 -29.45 -11.30 -9.47
CA THR B 154 -29.36 -11.82 -8.11
C THR B 154 -30.71 -12.29 -7.61
N LEU B 155 -31.77 -11.52 -7.86
CA LEU B 155 -33.09 -11.92 -7.42
C LEU B 155 -33.40 -13.34 -7.86
N GLU B 156 -33.33 -13.57 -9.17
CA GLU B 156 -33.47 -14.92 -9.72
C GLU B 156 -32.59 -15.96 -9.02
N GLN B 157 -31.33 -15.63 -8.72
CA GLN B 157 -30.44 -16.63 -8.14
C GLN B 157 -30.84 -16.95 -6.71
N TRP B 158 -31.14 -15.93 -5.92
CA TRP B 158 -31.67 -16.21 -4.58
C TRP B 158 -32.97 -16.97 -4.66
N GLN B 159 -33.78 -16.67 -5.67
CA GLN B 159 -35.01 -17.43 -5.84
C GLN B 159 -34.72 -18.89 -6.06
N ALA B 160 -33.66 -19.19 -6.83
CA ALA B 160 -33.28 -20.57 -7.08
C ALA B 160 -32.88 -21.25 -5.78
N SER B 161 -31.98 -20.62 -5.02
CA SER B 161 -31.47 -21.28 -3.83
C SER B 161 -32.57 -21.41 -2.79
N ASN B 162 -33.43 -20.40 -2.67
CA ASN B 162 -34.59 -20.49 -1.79
C ASN B 162 -35.49 -21.67 -2.18
N ALA B 163 -35.81 -21.79 -3.47
CA ALA B 163 -36.64 -22.90 -3.95
C ALA B 163 -36.02 -24.26 -3.67
N ALA B 164 -34.68 -24.35 -3.56
CA ALA B 164 -33.96 -25.57 -3.21
C ALA B 164 -34.24 -26.09 -1.79
N LEU B 165 -34.92 -25.31 -0.94
CA LEU B 165 -35.40 -25.76 0.36
C LEU B 165 -36.75 -26.46 0.27
N GLY B 166 -37.56 -26.11 -0.72
CA GLY B 166 -38.84 -26.76 -0.99
C GLY B 166 -39.88 -25.75 -1.43
N SER B 167 -40.96 -26.27 -2.04
CA SER B 167 -42.09 -25.45 -2.49
C SER B 167 -42.88 -24.88 -1.31
N GLY C 9 1.87 -2.77 -3.98
CA GLY C 9 3.03 -2.00 -3.54
C GLY C 9 3.45 -2.35 -2.10
N ILE C 10 3.16 -3.60 -1.73
CA ILE C 10 3.28 -4.06 -0.34
C ILE C 10 4.33 -5.16 -0.31
N LEU C 11 5.54 -4.81 0.14
CA LEU C 11 6.56 -5.82 0.39
C LEU C 11 6.19 -6.74 1.54
N SER C 12 6.68 -7.97 1.49
CA SER C 12 6.56 -8.93 2.59
C SER C 12 7.91 -9.58 2.84
N LEU C 13 8.37 -9.57 4.07
CA LEU C 13 9.56 -10.35 4.38
C LEU C 13 9.29 -11.24 5.58
N ALA C 14 9.61 -12.53 5.43
CA ALA C 14 9.40 -13.50 6.50
C ALA C 14 10.74 -14.18 6.79
N LEU C 15 11.12 -14.21 8.05
CA LEU C 15 12.47 -14.64 8.49
C LEU C 15 12.31 -15.89 9.34
N LYS C 16 12.65 -17.06 8.77
CA LYS C 16 12.19 -18.26 9.45
C LYS C 16 12.91 -18.42 10.78
N ASP C 17 14.13 -17.90 10.92
CA ASP C 17 14.99 -18.26 12.06
C ASP C 17 15.95 -17.12 12.42
N LYS C 18 16.88 -17.40 13.35
CA LYS C 18 17.76 -16.33 13.80
C LYS C 18 18.85 -16.00 12.78
N PRO C 19 19.47 -16.99 12.11
CA PRO C 19 20.41 -16.64 11.04
C PRO C 19 19.80 -15.71 10.03
N ALA C 20 18.68 -16.11 9.44
CA ALA C 20 18.03 -15.26 8.44
C ALA C 20 17.76 -13.86 8.99
N LEU C 21 17.33 -13.77 10.25
CA LEU C 21 17.12 -12.45 10.84
C LEU C 21 18.44 -11.69 10.93
N TYR C 22 19.53 -12.39 11.24
CA TYR C 22 20.84 -11.75 11.32
C TYR C 22 21.28 -11.21 9.95
N SER C 23 21.08 -11.99 8.90
CA SER C 23 21.46 -11.55 7.56
C SER C 23 20.75 -10.27 7.19
N ALA C 24 19.51 -10.13 7.66
CA ALA C 24 18.64 -9.06 7.20
C ALA C 24 18.77 -7.81 8.03
N TYR C 25 19.19 -7.93 9.29
CA TYR C 25 19.17 -6.76 10.16
C TYR C 25 20.31 -5.81 9.81
N MET C 26 19.99 -4.52 9.80
CA MET C 26 20.94 -3.46 9.50
C MET C 26 21.17 -2.65 10.77
N PRO C 27 22.14 -3.02 11.61
CA PRO C 27 22.29 -2.34 12.90
C PRO C 27 22.90 -0.94 12.80
N PHE C 28 23.57 -0.62 11.71
CA PHE C 28 24.22 0.66 11.48
C PHE C 28 23.29 1.73 10.90
N VAL C 29 21.98 1.43 10.78
CA VAL C 29 20.95 2.40 10.36
C VAL C 29 20.39 3.10 11.59
N LYS C 30 20.07 4.39 11.45
CA LYS C 30 19.44 5.10 12.57
C LYS C 30 18.01 4.60 12.77
N GLY C 31 17.70 4.19 14.00
CA GLY C 31 16.42 3.63 14.29
C GLY C 31 16.29 2.20 13.89
N GLY C 32 17.24 1.67 13.11
CA GLY C 32 17.21 0.29 12.67
C GLY C 32 16.71 0.15 11.25
N GLY C 33 17.13 -0.95 10.62
CA GLY C 33 16.80 -1.24 9.24
C GLY C 33 16.72 -2.74 9.05
N ILE C 34 16.08 -3.13 7.95
CA ILE C 34 15.96 -4.52 7.55
C ILE C 34 16.20 -4.57 6.04
N PHE C 35 16.95 -5.58 5.57
CA PHE C 35 17.09 -5.79 4.14
C PHE C 35 15.98 -6.70 3.62
N VAL C 36 15.35 -6.30 2.52
CA VAL C 36 14.24 -7.03 1.92
C VAL C 36 14.67 -7.41 0.51
N PRO C 37 14.83 -8.68 0.17
CA PRO C 37 15.20 -9.02 -1.20
C PRO C 37 14.03 -8.82 -2.16
N THR C 38 14.25 -8.05 -3.20
CA THR C 38 13.17 -7.87 -4.10
C THR C 38 13.75 -7.59 -5.48
N PRO C 39 13.16 -8.13 -6.54
CA PRO C 39 13.58 -7.75 -7.87
C PRO C 39 13.05 -6.39 -8.26
N LYS C 40 12.09 -5.84 -7.52
CA LYS C 40 11.55 -4.53 -7.91
C LYS C 40 12.61 -3.45 -7.69
N ARG C 41 12.67 -2.50 -8.62
CA ARG C 41 13.64 -1.42 -8.49
C ARG C 41 13.00 -0.27 -7.74
N TYR C 42 13.77 0.32 -6.81
CA TYR C 42 13.35 1.41 -5.93
C TYR C 42 14.43 2.48 -5.91
N MET C 43 14.01 3.73 -5.73
CA MET C 43 14.98 4.82 -5.58
C MET C 43 15.30 5.03 -4.10
N LEU C 44 16.54 5.40 -3.82
CA LEU C 44 16.83 5.88 -2.48
C LEU C 44 15.77 6.90 -2.08
N GLY C 45 15.33 6.85 -0.82
CA GLY C 45 14.40 7.82 -0.28
C GLY C 45 12.93 7.48 -0.45
N ASP C 46 12.57 6.55 -1.35
CA ASP C 46 11.17 6.13 -1.48
C ASP C 46 10.60 5.66 -0.15
N GLU C 47 9.42 6.17 0.20
CA GLU C 47 8.65 5.58 1.28
C GLU C 47 8.05 4.27 0.79
N VAL C 48 8.09 3.26 1.65
CA VAL C 48 7.63 1.94 1.25
C VAL C 48 7.02 1.26 2.45
N PHE C 49 6.10 0.35 2.19
CA PHE C 49 5.41 -0.38 3.24
C PHE C 49 5.82 -1.83 3.21
N LEU C 50 6.22 -2.35 4.36
CA LEU C 50 6.72 -3.71 4.52
C LEU C 50 5.85 -4.47 5.51
N LEU C 51 5.56 -5.73 5.23
CA LEU C 51 4.96 -6.62 6.20
C LEU C 51 6.01 -7.64 6.67
N LEU C 52 6.50 -7.46 7.90
CA LEU C 52 7.63 -8.23 8.42
C LEU C 52 7.18 -9.31 9.40
N THR C 53 7.59 -10.56 9.15
CA THR C 53 7.48 -11.66 10.11
C THR C 53 8.86 -12.02 10.68
N LEU C 54 9.02 -11.88 12.01
CA LEU C 54 10.20 -12.32 12.75
C LEU C 54 10.06 -13.77 13.19
N PRO C 55 11.17 -14.44 13.55
CA PRO C 55 11.12 -15.90 13.71
C PRO C 55 10.40 -16.38 14.96
N ASP C 56 10.17 -15.50 15.94
CA ASP C 56 9.52 -15.91 17.19
C ASP C 56 7.99 -16.02 17.09
N SER C 57 7.37 -15.62 15.98
CA SER C 57 5.92 -15.38 15.96
C SER C 57 5.40 -15.26 14.53
N SER C 58 4.13 -15.64 14.37
CA SER C 58 3.39 -15.47 13.11
C SER C 58 2.79 -14.08 12.96
N GLU C 59 2.86 -13.26 14.01
CA GLU C 59 2.48 -11.86 13.93
C GLU C 59 3.25 -11.16 12.81
N ARG C 60 2.54 -10.36 12.02
CA ARG C 60 3.10 -9.67 10.88
C ARG C 60 3.18 -8.20 11.25
N LEU C 61 4.38 -7.65 11.27
CA LEU C 61 4.59 -6.32 11.83
C LEU C 61 4.66 -5.29 10.71
N PRO C 62 3.67 -4.40 10.57
CA PRO C 62 3.75 -3.38 9.53
C PRO C 62 4.86 -2.39 9.82
N VAL C 63 5.58 -2.01 8.77
CA VAL C 63 6.75 -1.13 8.88
C VAL C 63 6.67 -0.14 7.72
N ALA C 64 6.47 1.13 8.02
CA ALA C 64 6.41 2.16 7.01
C ALA C 64 7.77 2.86 6.99
N GLY C 65 8.58 2.55 5.97
CA GLY C 65 9.99 2.90 5.99
C GLY C 65 10.40 3.62 4.72
N LYS C 66 11.57 4.24 4.81
CA LYS C 66 12.22 4.92 3.69
C LYS C 66 13.31 3.98 3.17
N VAL C 67 13.51 3.96 1.86
CA VAL C 67 14.60 3.16 1.31
C VAL C 67 15.91 3.90 1.57
N ILE C 68 16.92 3.17 2.06
CA ILE C 68 18.22 3.77 2.40
C ILE C 68 19.40 3.00 1.85
N TRP C 69 19.15 1.87 1.18
CA TRP C 69 20.15 0.96 0.61
C TRP C 69 19.51 0.26 -0.57
N THR C 70 20.26 0.07 -1.66
CA THR C 70 19.80 -0.82 -2.73
C THR C 70 20.94 -1.73 -3.15
N THR C 71 20.59 -2.95 -3.57
CA THR C 71 21.53 -3.84 -4.25
C THR C 71 20.96 -4.11 -5.63
N PRO C 72 21.70 -3.87 -6.70
CA PRO C 72 21.14 -4.04 -8.03
C PRO C 72 21.06 -5.53 -8.37
N ALA C 73 20.30 -5.82 -9.42
CA ALA C 73 20.36 -7.14 -10.01
C ALA C 73 21.79 -7.46 -10.49
N GLY C 74 22.17 -8.73 -10.35
CA GLY C 74 23.45 -9.18 -10.87
C GLY C 74 24.59 -8.48 -10.19
N ALA C 75 24.51 -8.39 -8.87
CA ALA C 75 25.50 -7.67 -8.11
C ALA C 75 26.69 -8.56 -7.83
N GLN C 76 27.85 -7.94 -7.79
CA GLN C 76 29.11 -8.63 -7.56
C GLN C 76 29.19 -9.12 -6.12
N GLY C 77 30.00 -10.16 -5.92
CA GLY C 77 29.81 -11.02 -4.78
C GLY C 77 28.59 -11.89 -5.08
N ASN C 78 28.20 -12.68 -4.10
CA ASN C 78 26.95 -13.40 -4.23
C ASN C 78 25.78 -12.60 -3.64
N ARG C 79 26.02 -11.30 -3.39
CA ARG C 79 25.06 -10.27 -3.02
C ARG C 79 23.69 -10.42 -3.69
N ALA C 80 22.62 -10.32 -2.90
CA ALA C 80 21.25 -10.55 -3.33
C ALA C 80 20.53 -9.23 -3.55
N ALA C 81 19.74 -9.13 -4.63
CA ALA C 81 19.16 -7.85 -5.01
C ALA C 81 18.00 -7.53 -4.08
N GLY C 82 17.93 -6.26 -3.68
CA GLY C 82 16.88 -5.83 -2.76
C GLY C 82 17.07 -4.39 -2.33
N ILE C 83 16.43 -4.05 -1.21
CA ILE C 83 16.45 -2.70 -0.64
C ILE C 83 16.58 -2.80 0.89
N GLY C 84 17.32 -1.85 1.46
CA GLY C 84 17.31 -1.63 2.89
C GLY C 84 16.27 -0.60 3.29
N VAL C 85 15.50 -0.91 4.33
CA VAL C 85 14.35 -0.12 4.72
C VAL C 85 14.58 0.38 6.14
N GLN C 86 14.60 1.70 6.32
CA GLN C 86 14.83 2.29 7.62
C GLN C 86 13.52 2.29 8.39
N PHE C 87 13.54 1.71 9.59
CA PHE C 87 12.39 1.79 10.46
C PHE C 87 12.07 3.25 10.75
N PRO C 88 10.80 3.62 10.78
CA PRO C 88 10.45 4.99 11.19
C PRO C 88 10.79 5.15 12.66
N ASP C 89 11.43 6.26 12.99
CA ASP C 89 11.61 6.45 14.41
C ASP C 89 10.26 6.79 15.04
N GLY C 90 10.18 6.64 16.36
CA GLY C 90 8.91 6.66 17.05
C GLY C 90 8.46 5.28 17.47
N PRO C 91 7.52 5.22 18.42
CA PRO C 91 7.06 3.94 19.00
C PRO C 91 6.99 2.76 18.05
N GLU C 92 6.22 2.88 16.95
CA GLU C 92 6.01 1.77 16.02
C GLU C 92 7.33 1.15 15.55
N GLY C 93 8.25 1.97 15.05
CA GLY C 93 9.53 1.46 14.64
C GLY C 93 10.38 0.97 15.80
N GLU C 94 10.38 1.70 16.91
CA GLU C 94 11.26 1.32 18.01
C GLU C 94 10.89 -0.05 18.56
N ALA C 95 9.61 -0.43 18.50
CA ALA C 95 9.21 -1.75 18.93
C ALA C 95 9.90 -2.85 18.11
N VAL C 96 9.93 -2.68 16.79
CA VAL C 96 10.50 -3.67 15.88
C VAL C 96 12.03 -3.74 16.01
N ARG C 97 12.70 -2.59 16.07
CA ARG C 97 14.11 -2.66 16.39
C ARG C 97 14.32 -3.45 17.66
N ASN C 98 13.59 -3.10 18.72
CA ASN C 98 13.79 -3.77 20.00
C ASN C 98 13.61 -5.28 19.88
N LYS C 99 12.48 -5.73 19.32
CA LYS C 99 12.30 -7.18 19.12
C LYS C 99 13.47 -7.80 18.38
N ILE C 100 14.01 -7.12 17.36
CA ILE C 100 15.11 -7.70 16.59
C ILE C 100 16.38 -7.78 17.45
N GLU C 101 16.60 -6.77 18.29
CA GLU C 101 17.85 -6.71 19.04
C GLU C 101 17.92 -7.79 20.11
N THR C 102 16.78 -8.20 20.67
CA THR C 102 16.76 -9.23 21.70
C THR C 102 16.74 -10.62 21.08
N LEU C 103 16.04 -10.79 19.95
CA LEU C 103 16.10 -12.05 19.22
C LEU C 103 17.51 -12.35 18.78
N LEU C 104 18.26 -11.31 18.41
CA LEU C 104 19.65 -11.43 17.98
C LEU C 104 20.63 -11.36 19.14
N ALA C 105 20.16 -11.44 20.38
CA ALA C 105 21.06 -11.62 21.53
C ALA C 105 21.95 -12.83 21.32
N GLY C 106 23.26 -12.61 21.40
CA GLY C 106 24.21 -13.68 21.16
C GLY C 106 24.76 -13.74 19.75
N LEU C 107 24.22 -12.94 18.84
CA LEU C 107 24.80 -12.79 17.52
C LEU C 107 25.14 -11.34 17.19
N THR C 108 24.79 -10.38 18.06
CA THR C 108 25.02 -8.95 17.79
C THR C 108 26.48 -8.66 17.47
N THR C 109 27.39 -9.35 18.14
CA THR C 109 28.83 -9.16 17.99
C THR C 109 29.50 -10.11 16.99
N SER C 110 28.72 -10.91 16.26
CA SER C 110 29.28 -11.86 15.31
C SER C 110 30.04 -11.16 14.19
N ASP C 111 31.01 -11.89 13.62
CA ASP C 111 31.69 -11.43 12.41
C ASP C 111 30.97 -11.78 11.12
N LYS C 112 30.17 -12.85 11.13
CA LYS C 112 29.55 -13.40 9.92
C LYS C 112 28.92 -12.28 9.07
N PRO C 113 29.02 -12.35 7.76
CA PRO C 113 28.52 -11.26 6.92
C PRO C 113 27.01 -11.34 6.74
N THR C 114 26.47 -10.28 6.14
CA THR C 114 25.05 -10.04 6.07
C THR C 114 24.68 -9.74 4.63
N HIS C 115 23.39 -9.48 4.40
CA HIS C 115 22.91 -8.95 3.12
C HIS C 115 23.42 -7.55 2.82
N THR C 116 23.76 -6.77 3.84
CA THR C 116 24.30 -5.45 3.61
C THR C 116 25.71 -5.43 4.18
N MET C 117 25.92 -4.70 5.27
CA MET C 117 27.18 -4.74 6.02
C MET C 117 26.94 -5.36 7.40
N GLY D 9 -2.08 3.60 -0.03
CA GLY D 9 -3.46 3.19 0.18
C GLY D 9 -3.67 2.30 1.39
N ILE D 10 -3.14 2.73 2.54
CA ILE D 10 -3.06 1.91 3.76
C ILE D 10 -4.10 2.35 4.77
N LEU D 11 -5.31 1.85 4.62
CA LEU D 11 -6.33 2.05 5.63
C LEU D 11 -5.93 1.38 6.96
N SER D 12 -6.24 2.06 8.06
CA SER D 12 -6.12 1.49 9.40
C SER D 12 -7.43 1.69 10.12
N LEU D 13 -7.80 0.68 10.90
CA LEU D 13 -8.96 0.76 11.76
C LEU D 13 -8.69 -0.07 13.01
N ALA D 14 -8.96 0.51 14.17
CA ALA D 14 -8.83 -0.18 15.46
C ALA D 14 -10.18 -0.23 16.14
N LEU D 15 -10.60 -1.41 16.52
CA LEU D 15 -11.89 -1.56 17.20
C LEU D 15 -11.60 -1.85 18.67
N LYS D 16 -11.83 -0.85 19.51
CA LYS D 16 -11.53 -0.97 20.93
C LYS D 16 -12.33 -2.10 21.60
N ASP D 17 -13.67 -2.04 21.56
CA ASP D 17 -14.51 -2.97 22.32
C ASP D 17 -15.54 -3.67 21.45
N LYS D 18 -16.54 -4.35 22.03
CA LYS D 18 -17.46 -5.11 21.18
C LYS D 18 -18.51 -4.23 20.53
N PRO D 19 -19.06 -3.27 21.25
CA PRO D 19 -19.93 -2.30 20.57
C PRO D 19 -19.28 -1.85 19.26
N ALA D 20 -18.06 -1.32 19.33
CA ALA D 20 -17.34 -0.92 18.13
C ALA D 20 -17.24 -2.07 17.12
N LEU D 21 -16.78 -3.24 17.58
CA LEU D 21 -16.58 -4.37 16.67
C LEU D 21 -17.91 -4.83 16.08
N TYR D 22 -18.96 -4.78 16.88
CA TYR D 22 -20.28 -5.16 16.41
C TYR D 22 -20.76 -4.22 15.33
N SER D 23 -20.53 -2.92 15.49
CA SER D 23 -20.99 -1.96 14.50
C SER D 23 -20.26 -2.15 13.18
N ALA D 24 -18.98 -2.51 13.24
CA ALA D 24 -18.18 -2.58 12.03
C ALA D 24 -18.32 -3.91 11.31
N TYR D 25 -18.65 -4.99 12.03
CA TYR D 25 -18.69 -6.29 11.38
C TYR D 25 -19.91 -6.39 10.47
N MET D 26 -19.69 -7.01 9.31
CA MET D 26 -20.71 -7.26 8.29
C MET D 26 -20.88 -8.76 8.09
N PRO D 27 -21.80 -9.40 8.82
CA PRO D 27 -21.87 -10.87 8.80
C PRO D 27 -22.56 -11.45 7.58
N PHE D 28 -23.20 -10.61 6.77
CA PHE D 28 -23.91 -11.06 5.58
C PHE D 28 -23.04 -11.08 4.35
N VAL D 29 -21.75 -10.81 4.50
CA VAL D 29 -20.81 -10.83 3.38
C VAL D 29 -20.07 -12.16 3.37
N LYS D 30 -20.07 -12.82 2.20
CA LYS D 30 -19.32 -14.07 2.04
C LYS D 30 -17.88 -13.96 2.50
N GLY D 31 -17.50 -14.77 3.47
CA GLY D 31 -16.17 -14.72 4.01
C GLY D 31 -15.98 -13.67 5.09
N GLY D 32 -17.02 -12.89 5.40
CA GLY D 32 -16.91 -11.81 6.36
C GLY D 32 -16.51 -10.50 5.71
N GLY D 33 -16.63 -9.44 6.50
CA GLY D 33 -16.45 -8.12 5.95
C GLY D 33 -16.55 -7.11 7.06
N ILE D 34 -15.89 -5.97 6.90
CA ILE D 34 -15.67 -5.01 7.98
C ILE D 34 -15.86 -3.60 7.41
N PHE D 35 -16.57 -2.76 8.16
CA PHE D 35 -16.78 -1.38 7.74
C PHE D 35 -15.63 -0.55 8.25
N VAL D 36 -14.97 0.15 7.34
CA VAL D 36 -13.90 1.08 7.68
C VAL D 36 -14.45 2.49 7.44
N PRO D 37 -14.63 3.31 8.46
CA PRO D 37 -15.03 4.71 8.21
C PRO D 37 -13.91 5.48 7.51
N THR D 38 -14.28 6.29 6.53
CA THR D 38 -13.33 7.06 5.74
C THR D 38 -14.10 8.02 4.84
N PRO D 39 -13.58 9.23 4.60
CA PRO D 39 -14.28 10.15 3.70
C PRO D 39 -13.85 10.03 2.25
N LYS D 40 -12.78 9.26 1.95
CA LYS D 40 -12.41 9.00 0.56
C LYS D 40 -13.52 8.22 -0.15
N ARG D 41 -13.81 8.64 -1.39
CA ARG D 41 -14.67 7.86 -2.27
C ARG D 41 -13.88 6.69 -2.86
N TYR D 42 -14.56 5.54 -3.00
CA TYR D 42 -14.02 4.32 -3.60
C TYR D 42 -15.09 3.74 -4.51
N MET D 43 -14.66 2.91 -5.44
CA MET D 43 -15.63 2.21 -6.27
C MET D 43 -15.74 0.78 -5.76
N LEU D 44 -16.96 0.26 -5.79
CA LEU D 44 -17.18 -1.17 -5.61
C LEU D 44 -16.13 -1.94 -6.39
N GLY D 45 -15.55 -2.96 -5.75
CA GLY D 45 -14.54 -3.78 -6.38
C GLY D 45 -13.12 -3.26 -6.30
N ASP D 46 -12.91 -2.00 -5.89
CA ASP D 46 -11.55 -1.53 -5.65
C ASP D 46 -10.87 -2.44 -4.65
N GLU D 47 -9.61 -2.78 -4.94
CA GLU D 47 -8.76 -3.54 -4.01
C GLU D 47 -8.19 -2.58 -2.99
N VAL D 48 -8.31 -2.90 -1.68
CA VAL D 48 -7.75 -2.01 -0.66
C VAL D 48 -6.99 -2.85 0.36
N PHE D 49 -6.01 -2.21 0.98
CA PHE D 49 -5.23 -2.87 2.03
C PHE D 49 -5.58 -2.25 3.37
N LEU D 50 -6.04 -3.09 4.27
CA LEU D 50 -6.51 -2.65 5.56
C LEU D 50 -5.62 -3.24 6.63
N LEU D 51 -5.32 -2.44 7.66
CA LEU D 51 -4.73 -2.93 8.91
C LEU D 51 -5.76 -2.83 10.04
N LEU D 52 -6.14 -3.98 10.59
CA LEU D 52 -7.23 -4.11 11.54
C LEU D 52 -6.69 -4.54 12.91
N THR D 53 -6.91 -3.72 13.95
CA THR D 53 -6.69 -4.11 15.35
C THR D 53 -8.01 -4.51 15.99
N LEU D 54 -8.08 -5.74 16.52
CA LEU D 54 -9.28 -6.20 17.19
C LEU D 54 -9.23 -5.94 18.70
N PRO D 55 -10.36 -6.04 19.41
CA PRO D 55 -10.37 -5.70 20.85
C PRO D 55 -9.46 -6.56 21.71
N ASP D 56 -9.52 -7.87 21.52
CA ASP D 56 -8.76 -8.83 22.33
C ASP D 56 -7.29 -8.42 22.48
N SER D 57 -6.69 -7.90 21.42
CA SER D 57 -5.24 -7.85 21.26
C SER D 57 -4.84 -6.51 20.65
N SER D 58 -3.53 -6.34 20.51
CA SER D 58 -2.97 -5.17 19.86
C SER D 58 -2.38 -5.49 18.50
N GLU D 59 -2.28 -6.78 18.15
CA GLU D 59 -1.81 -7.19 16.83
C GLU D 59 -2.63 -6.51 15.73
N ARG D 60 -1.94 -5.86 14.79
CA ARG D 60 -2.58 -5.29 13.61
C ARG D 60 -2.58 -6.32 12.51
N LEU D 61 -3.75 -6.69 12.11
CA LEU D 61 -4.08 -7.79 11.23
C LEU D 61 -4.17 -7.27 9.79
N PRO D 62 -3.37 -7.80 8.87
CA PRO D 62 -3.49 -7.38 7.45
C PRO D 62 -4.72 -8.01 6.80
N VAL D 63 -5.48 -7.18 6.09
CA VAL D 63 -6.59 -7.60 5.26
C VAL D 63 -6.37 -7.03 3.87
N ALA D 64 -6.24 -7.91 2.89
CA ALA D 64 -6.17 -7.58 1.48
C ALA D 64 -7.55 -7.90 0.93
N GLY D 65 -8.44 -6.91 0.93
CA GLY D 65 -9.82 -7.15 0.60
C GLY D 65 -10.34 -6.37 -0.61
N LYS D 66 -11.58 -6.66 -0.93
CA LYS D 66 -12.31 -6.01 -2.01
C LYS D 66 -13.34 -5.06 -1.40
N VAL D 67 -13.55 -3.90 -2.04
CA VAL D 67 -14.61 -3.00 -1.61
C VAL D 67 -15.98 -3.45 -2.13
N ILE D 68 -16.90 -3.74 -1.21
CA ILE D 68 -18.21 -4.25 -1.54
C ILE D 68 -19.33 -3.34 -1.08
N TRP D 69 -19.04 -2.29 -0.33
CA TRP D 69 -20.06 -1.41 0.21
C TRP D 69 -19.47 -0.01 0.30
N THR D 70 -20.28 1.00 0.00
CA THR D 70 -19.86 2.37 0.21
C THR D 70 -20.96 3.18 0.89
N THR D 71 -20.60 3.89 1.95
CA THR D 71 -21.44 4.97 2.45
C THR D 71 -20.81 6.30 2.05
N PRO D 72 -21.53 7.11 1.30
CA PRO D 72 -20.98 8.39 0.83
C PRO D 72 -20.98 9.46 1.92
N ALA D 73 -20.10 10.45 1.69
CA ALA D 73 -20.13 11.65 2.52
C ALA D 73 -21.53 12.25 2.45
N GLY D 74 -21.99 12.80 3.56
CA GLY D 74 -23.30 13.44 3.56
C GLY D 74 -24.45 12.47 3.49
N ALA D 75 -24.27 11.27 3.98
CA ALA D 75 -25.28 10.24 3.74
C ALA D 75 -26.53 10.46 4.60
N GLN D 76 -27.63 9.82 4.18
CA GLN D 76 -28.92 9.94 4.84
C GLN D 76 -28.97 9.08 6.10
N GLY D 77 -29.86 9.46 6.99
CA GLY D 77 -29.77 8.94 8.33
C GLY D 77 -28.56 9.62 8.98
N ASN D 78 -28.02 8.95 9.98
CA ASN D 78 -26.76 9.40 10.58
C ASN D 78 -25.63 8.46 10.18
N ARG D 79 -25.59 8.07 8.92
CA ARG D 79 -24.69 7.02 8.47
C ARG D 79 -23.26 7.55 8.26
N ALA D 80 -22.34 7.01 9.05
CA ALA D 80 -20.92 7.26 8.87
C ALA D 80 -20.42 6.95 7.44
N ALA D 81 -19.71 7.90 6.83
CA ALA D 81 -19.12 7.65 5.53
C ALA D 81 -18.03 6.61 5.65
N GLY D 82 -18.01 5.67 4.71
CA GLY D 82 -17.02 4.61 4.79
C GLY D 82 -17.24 3.61 3.68
N ILE D 83 -16.36 2.61 3.68
CA ILE D 83 -16.39 1.47 2.77
C ILE D 83 -16.45 0.20 3.59
N GLY D 84 -17.25 -0.76 3.11
CA GLY D 84 -17.23 -2.12 3.63
C GLY D 84 -16.31 -2.99 2.79
N VAL D 85 -15.30 -3.59 3.45
CA VAL D 85 -14.25 -4.39 2.80
C VAL D 85 -14.50 -5.88 3.07
N GLN D 86 -14.57 -6.67 2.01
CA GLN D 86 -14.82 -8.10 2.18
C GLN D 86 -13.50 -8.84 2.38
N PHE D 87 -13.47 -9.78 3.35
CA PHE D 87 -12.25 -10.54 3.63
C PHE D 87 -11.95 -11.47 2.47
N PRO D 88 -10.71 -11.55 2.00
CA PRO D 88 -10.33 -12.55 1.00
C PRO D 88 -10.52 -13.94 1.58
N ASP D 89 -10.76 -14.92 0.70
CA ASP D 89 -11.19 -16.24 1.17
C ASP D 89 -10.01 -17.17 1.47
N GLY D 90 -8.78 -16.65 1.49
CA GLY D 90 -7.66 -17.40 2.01
C GLY D 90 -7.84 -17.80 3.47
N PRO D 91 -6.90 -18.60 3.99
CA PRO D 91 -6.80 -18.75 5.44
C PRO D 91 -6.54 -17.44 6.18
N GLU D 92 -5.86 -16.49 5.53
CA GLU D 92 -5.79 -15.14 6.09
C GLU D 92 -7.19 -14.61 6.40
N GLY D 93 -8.11 -14.73 5.44
CA GLY D 93 -9.48 -14.34 5.68
C GLY D 93 -10.18 -15.11 6.79
N GLU D 94 -10.16 -16.46 6.74
CA GLU D 94 -10.99 -17.20 7.69
C GLU D 94 -10.54 -17.04 9.14
N ALA D 95 -9.29 -16.63 9.38
CA ALA D 95 -8.84 -16.38 10.75
C ALA D 95 -9.47 -15.12 11.34
N VAL D 96 -9.38 -14.01 10.60
CA VAL D 96 -10.06 -12.78 10.97
C VAL D 96 -11.57 -13.03 11.07
N ARG D 97 -12.14 -13.78 10.11
CA ARG D 97 -13.56 -14.06 10.21
C ARG D 97 -13.86 -14.79 11.51
N ASN D 98 -12.87 -15.51 12.04
CA ASN D 98 -13.17 -16.35 13.18
C ASN D 98 -12.96 -15.64 14.51
N LYS D 99 -11.83 -14.94 14.72
CA LYS D 99 -11.75 -14.12 15.93
C LYS D 99 -12.96 -13.21 16.07
N ILE D 100 -13.36 -12.53 14.99
CA ILE D 100 -14.53 -11.66 15.08
C ILE D 100 -15.75 -12.46 15.48
N GLU D 101 -16.12 -13.42 14.63
CA GLU D 101 -17.37 -14.12 14.84
C GLU D 101 -17.41 -14.84 16.20
N THR D 102 -16.26 -15.35 16.65
CA THR D 102 -16.22 -15.88 18.01
C THR D 102 -16.20 -14.78 19.06
N LEU D 103 -15.58 -13.61 18.78
CA LEU D 103 -15.65 -12.50 19.75
C LEU D 103 -17.07 -11.93 19.91
N LEU D 104 -17.88 -12.00 18.85
CA LEU D 104 -19.22 -11.42 18.86
C LEU D 104 -20.31 -12.46 19.07
N ALA D 105 -19.94 -13.69 19.43
CA ALA D 105 -20.89 -14.79 19.47
C ALA D 105 -22.06 -14.48 20.40
N GLY D 106 -23.24 -14.92 20.00
CA GLY D 106 -24.47 -14.49 20.64
C GLY D 106 -25.07 -13.21 20.06
N LEU D 107 -24.23 -12.19 19.85
CA LEU D 107 -24.74 -10.87 19.45
C LEU D 107 -24.97 -10.69 17.96
N THR D 108 -24.44 -11.56 17.09
CA THR D 108 -24.57 -11.24 15.67
C THR D 108 -26.03 -11.32 15.20
N THR D 109 -26.90 -12.10 15.88
CA THR D 109 -28.34 -12.14 15.62
C THR D 109 -29.11 -11.04 16.32
N SER D 110 -28.41 -10.07 16.92
CA SER D 110 -29.03 -8.99 17.68
C SER D 110 -29.82 -8.07 16.76
N ASP D 111 -30.65 -7.23 17.35
CA ASP D 111 -31.33 -6.18 16.60
C ASP D 111 -30.62 -4.83 16.68
N LYS D 112 -29.50 -4.72 17.42
CA LYS D 112 -28.76 -3.47 17.46
C LYS D 112 -28.29 -3.08 16.07
N PRO D 113 -28.45 -1.82 15.67
CA PRO D 113 -28.04 -1.39 14.32
C PRO D 113 -26.53 -1.38 14.16
N THR D 114 -26.10 -1.11 12.94
CA THR D 114 -24.67 -1.11 12.66
C THR D 114 -24.38 0.02 11.70
N HIS D 115 -23.13 0.13 11.29
CA HIS D 115 -22.76 1.06 10.23
C HIS D 115 -23.37 0.69 8.90
N THR D 116 -23.80 -0.55 8.76
CA THR D 116 -24.13 -1.16 7.49
C THR D 116 -25.55 -1.64 7.57
N MET D 117 -25.78 -2.93 7.80
CA MET D 117 -27.13 -3.39 8.02
C MET D 117 -27.11 -4.15 9.32
#